data_5R56
#
_entry.id   5R56
#
_cell.length_a   49.590
_cell.length_b   52.330
_cell.length_c   101.560
_cell.angle_alpha   90.000
_cell.angle_beta   90.000
_cell.angle_gamma   90.000
#
_symmetry.space_group_name_H-M   'P 21 21 21'
#
loop_
_entity.id
_entity.type
_entity.pdbx_description
1 polymer 'Uridine diphosphate glucose pyrophosphatase NUDT22'
2 non-polymer 2-(2,4-dimethylphenoxy)-1-morpholin-4-yl-ethanone
3 non-polymer 'DIMETHYL SULFOXIDE'
4 water water
#
_entity_poly.entity_id   1
_entity_poly.type   'polypeptide(L)'
_entity_poly.pdbx_seq_one_letter_code
;SMDPEVTLLLQCPGGGLPQEQIQAELSPAHDRRPLPGGDEAITAIWETRLKAQPWLFDAPKFRLHSATLAPIGSRGPQLL
LRLGLTSYRDFLGTNWSSSAAWLRQQGATDWGDTQAYLADPLGVGAALATADDFLVFLRRSRQVAEAPGLVDVPGGHPEP
QALCPGGSPQHQDLAGQLVVHELFSSVLQEICDEVNLPLLTLSQPLLLGIARNETSAGRASAEFYVQCSLTSEQVRKHYL
SGGPEAHESTGIFFVETQNVRRLPETEMWAELCPSAKGAIILYNRVQGSPTGAALGSPALLPPL
;
_entity_poly.pdbx_strand_id   A
#
loop_
_chem_comp.id
_chem_comp.type
_chem_comp.name
_chem_comp.formula
DMS non-polymer 'DIMETHYL SULFOXIDE' 'C2 H6 O S'
S07 non-polymer 2-(2,4-dimethylphenoxy)-1-morpholin-4-yl-ethanone 'C14 H19 N O3'
#
# COMPACT_ATOMS: atom_id res chain seq x y z
N ASP A 3 15.73 -7.56 -3.87
N ASP A 3 15.90 -7.49 -2.92
CA ASP A 3 14.64 -6.58 -4.16
CA ASP A 3 15.00 -6.76 -3.85
C ASP A 3 15.01 -5.22 -3.59
C ASP A 3 15.09 -5.27 -3.53
N PRO A 4 15.99 -4.51 -4.18
CA PRO A 4 16.32 -3.17 -3.74
C PRO A 4 15.20 -2.17 -3.91
N GLU A 5 14.16 -2.45 -4.71
CA GLU A 5 13.13 -1.42 -4.95
C GLU A 5 12.05 -1.48 -3.86
N VAL A 6 12.09 -2.43 -2.91
CA VAL A 6 11.15 -2.40 -1.75
C VAL A 6 11.87 -2.62 -0.40
N THR A 7 11.55 -1.77 0.59
CA THR A 7 12.08 -1.87 1.97
C THR A 7 10.90 -2.00 2.95
N LEU A 8 11.01 -2.87 3.95
CA LEU A 8 9.94 -3.00 4.99
C LEU A 8 10.16 -1.94 6.06
N LEU A 9 9.17 -1.09 6.33
CA LEU A 9 9.24 -0.14 7.44
C LEU A 9 8.63 -0.76 8.71
N LEU A 10 7.64 -1.65 8.58
CA LEU A 10 6.91 -2.23 9.73
C LEU A 10 6.45 -3.63 9.39
N GLN A 11 6.73 -4.63 10.26
CA GLN A 11 6.13 -5.98 10.25
C GLN A 11 5.22 -6.10 11.50
N CYS A 12 3.92 -6.26 11.36
CA CYS A 12 2.99 -6.36 12.51
C CYS A 12 3.10 -7.71 13.21
N PRO A 13 2.89 -7.72 14.54
CA PRO A 13 2.83 -8.95 15.32
C PRO A 13 1.45 -9.60 15.34
N GLY A 14 1.37 -10.78 15.90
CA GLY A 14 0.09 -11.47 16.17
C GLY A 14 -0.63 -11.95 14.91
N GLY A 15 0.04 -12.05 13.77
CA GLY A 15 -0.60 -12.41 12.49
C GLY A 15 -1.27 -11.19 11.84
N GLY A 16 -1.15 -10.00 12.41
CA GLY A 16 -1.65 -8.73 11.84
C GLY A 16 -2.54 -8.00 12.82
N LEU A 17 -2.59 -6.68 12.73
CA LEU A 17 -3.37 -5.88 13.73
C LEU A 17 -4.75 -5.46 13.25
N PRO A 18 -5.78 -5.64 14.11
CA PRO A 18 -7.13 -5.11 13.83
C PRO A 18 -7.21 -3.61 14.09
N GLN A 19 -8.25 -2.97 13.53
CA GLN A 19 -8.49 -1.52 13.63
C GLN A 19 -8.44 -1.03 15.08
N GLU A 20 -9.00 -1.81 16.02
CA GLU A 20 -9.16 -1.35 17.44
C GLU A 20 -7.81 -1.29 18.16
N GLN A 21 -6.75 -1.86 17.59
CA GLN A 21 -5.40 -1.87 18.22
C GLN A 21 -4.50 -0.77 17.65
N ILE A 22 -5.00 0.15 16.81
CA ILE A 22 -4.14 1.16 16.16
C ILE A 22 -4.62 2.58 16.54
N GLN A 23 -3.66 3.42 16.90
CA GLN A 23 -3.80 4.87 17.20
C GLN A 23 -3.19 5.67 16.05
N ALA A 24 -3.79 6.78 15.66
CA ALA A 24 -3.15 7.73 14.72
C ALA A 24 -2.97 9.08 15.41
N GLU A 25 -1.86 9.76 15.13
CA GLU A 25 -1.61 11.16 15.54
C GLU A 25 -1.50 11.95 14.22
N LEU A 26 -2.54 12.74 13.88
CA LEU A 26 -2.57 13.58 12.64
C LEU A 26 -2.21 15.00 13.06
N SER A 27 -1.05 15.49 12.63
CA SER A 27 -0.42 16.74 13.14
C SER A 27 0.32 17.46 12.03
N PRO A 28 0.25 18.82 11.92
CA PRO A 28 1.06 19.54 10.94
C PRO A 28 2.57 19.40 11.22
N ALA A 29 2.98 18.96 12.42
CA ALA A 29 4.38 18.58 12.69
C ALA A 29 4.86 17.41 11.80
N HIS A 30 3.93 16.65 11.21
CA HIS A 30 4.23 15.42 10.41
C HIS A 30 4.19 15.74 8.90
N ASP A 31 4.02 17.02 8.55
CA ASP A 31 3.97 17.48 7.15
C ASP A 31 5.36 17.46 6.51
N ARG A 32 5.40 17.50 5.17
CA ARG A 32 6.62 17.83 4.40
C ARG A 32 7.14 19.23 4.81
N ARG A 33 8.45 19.38 4.80
CA ARG A 33 9.12 20.69 5.03
C ARG A 33 9.08 21.46 3.71
N PRO A 34 8.94 22.80 3.76
CA PRO A 34 9.05 23.61 2.55
C PRO A 34 10.40 23.37 1.82
N LEU A 35 10.42 23.34 0.49
CA LEU A 35 11.67 23.01 -0.29
C LEU A 35 12.72 24.10 -0.08
N PRO A 36 14.02 23.78 -0.17
CA PRO A 36 15.10 24.76 0.09
C PRO A 36 14.96 26.15 -0.59
N GLY A 37 14.63 26.16 -1.89
CA GLY A 37 14.49 27.37 -2.72
C GLY A 37 13.02 27.75 -2.88
N GLY A 38 12.15 27.13 -2.09
CA GLY A 38 10.72 27.45 -1.99
C GLY A 38 9.87 26.44 -2.77
N ASP A 39 8.61 26.35 -2.39
CA ASP A 39 7.59 25.46 -3.04
C ASP A 39 7.18 25.98 -4.42
N GLU A 40 7.69 27.13 -4.87
CA GLU A 40 7.52 27.60 -6.29
C GLU A 40 7.93 26.54 -7.32
N ALA A 41 8.89 25.66 -7.03
CA ALA A 41 9.32 24.59 -7.94
C ALA A 41 8.16 23.59 -8.17
N ILE A 42 7.36 23.31 -7.15
CA ILE A 42 6.18 22.39 -7.23
C ILE A 42 5.09 23.05 -8.09
N THR A 43 4.80 24.31 -7.83
CA THR A 43 3.81 25.12 -8.57
C THR A 43 4.18 25.17 -10.05
N ALA A 44 5.45 25.33 -10.42
CA ALA A 44 5.92 25.36 -11.84
C ALA A 44 5.62 24.01 -12.52
N ILE A 45 5.97 22.89 -11.90
CA ILE A 45 5.73 21.53 -12.48
C ILE A 45 4.22 21.34 -12.70
N TRP A 46 3.40 21.77 -11.73
CA TRP A 46 1.92 21.60 -11.78
C TRP A 46 1.34 22.44 -12.95
N GLU A 47 1.77 23.68 -13.07
CA GLU A 47 1.30 24.57 -14.17
C GLU A 47 1.64 23.96 -15.51
N THR A 48 2.87 23.45 -15.71
CA THR A 48 3.30 22.80 -16.96
C THR A 48 2.38 21.62 -17.27
N ARG A 49 2.07 20.81 -16.24
CA ARG A 49 1.23 19.62 -16.40
C ARG A 49 -0.20 20.06 -16.78
N LEU A 50 -0.79 21.01 -16.08
CA LEU A 50 -2.22 21.44 -16.35
C LEU A 50 -2.33 22.06 -17.74
N LYS A 51 -1.29 22.75 -18.22
CA LYS A 51 -1.33 23.38 -19.56
C LYS A 51 -1.28 22.32 -20.69
N ALA A 52 -0.92 21.09 -20.39
CA ALA A 52 -0.94 19.92 -21.32
C ALA A 52 -2.21 19.08 -21.10
N GLN A 53 -2.64 18.92 -19.85
CA GLN A 53 -3.78 18.05 -19.46
C GLN A 53 -4.70 18.85 -18.54
N PRO A 54 -5.49 19.81 -19.08
CA PRO A 54 -6.29 20.71 -18.23
C PRO A 54 -7.44 20.05 -17.46
N TRP A 55 -7.78 18.77 -17.75
CA TRP A 55 -8.79 17.96 -17.03
C TRP A 55 -8.26 17.35 -15.72
N LEU A 56 -6.95 17.44 -15.48
CA LEU A 56 -6.37 16.93 -14.22
C LEU A 56 -6.71 17.89 -13.08
N PHE A 57 -6.86 17.37 -11.87
CA PHE A 57 -7.13 18.18 -10.65
C PHE A 57 -6.37 17.58 -9.46
N ASP A 58 -6.24 18.38 -8.41
CA ASP A 58 -5.49 18.04 -7.17
C ASP A 58 -6.45 17.38 -6.17
N ALA A 59 -5.91 16.54 -5.30
CA ALA A 59 -6.66 15.80 -4.26
C ALA A 59 -5.75 15.75 -3.04
N PRO A 60 -6.30 15.93 -1.83
CA PRO A 60 -5.52 15.78 -0.60
C PRO A 60 -5.22 14.29 -0.36
N LYS A 61 -4.14 14.04 0.37
CA LYS A 61 -3.70 12.67 0.74
C LYS A 61 -3.15 12.69 2.17
N PHE A 62 -3.11 11.55 2.84
CA PHE A 62 -2.38 11.42 4.15
C PHE A 62 -0.90 11.28 3.80
N ARG A 63 -0.06 11.90 4.63
CA ARG A 63 1.42 11.72 4.59
C ARG A 63 1.83 10.75 5.71
N LEU A 64 2.66 9.74 5.41
CA LEU A 64 3.31 8.92 6.47
C LEU A 64 4.57 9.61 6.96
N HIS A 65 4.64 9.97 8.24
CA HIS A 65 5.89 10.43 8.88
C HIS A 65 6.65 9.23 9.48
N SER A 66 5.97 8.39 10.26
CA SER A 66 6.61 7.27 10.99
C SER A 66 5.55 6.37 11.65
N ALA A 67 5.94 5.16 12.09
CA ALA A 67 5.00 4.18 12.68
C ALA A 67 5.72 3.44 13.80
N THR A 68 5.32 3.63 15.08
CA THR A 68 6.04 3.02 16.22
C THR A 68 5.21 1.87 16.80
N LEU A 69 5.79 0.65 16.82
CA LEU A 69 5.14 -0.54 17.44
C LEU A 69 5.40 -0.55 18.95
N ALA A 70 4.37 -0.93 19.73
CA ALA A 70 4.48 -1.17 21.19
C ALA A 70 5.44 -2.35 21.42
N PRO A 71 5.98 -2.50 22.63
CA PRO A 71 6.71 -3.72 23.01
C PRO A 71 5.84 -4.96 22.75
N ILE A 72 6.39 -6.02 22.12
CA ILE A 72 5.55 -7.19 21.73
C ILE A 72 4.98 -7.85 22.99
N GLY A 73 3.72 -8.30 22.86
CA GLY A 73 3.03 -9.03 23.93
C GLY A 73 2.35 -8.12 24.93
N SER A 74 2.39 -6.81 24.73
CA SER A 74 1.83 -5.80 25.68
C SER A 74 0.30 -5.74 25.51
N ARG A 75 -0.36 -5.17 26.52
CA ARG A 75 -1.80 -4.82 26.52
C ARG A 75 -1.92 -3.40 25.96
N GLY A 76 -3.12 -3.00 25.57
CA GLY A 76 -3.36 -1.62 25.13
C GLY A 76 -2.99 -1.45 23.67
N PRO A 77 -3.06 -0.21 23.13
CA PRO A 77 -2.80 0.02 21.71
C PRO A 77 -1.42 -0.49 21.28
N GLN A 78 -1.37 -1.14 20.12
CA GLN A 78 -0.12 -1.82 19.68
C GLN A 78 0.67 -0.97 18.66
N LEU A 79 0.04 0.00 18.00
CA LEU A 79 0.76 0.76 16.96
C LEU A 79 0.35 2.21 17.04
N LEU A 80 1.31 3.12 16.92
CA LEU A 80 1.06 4.58 16.72
C LEU A 80 1.52 4.98 15.31
N LEU A 81 0.58 5.45 14.49
CA LEU A 81 0.84 6.00 13.13
C LEU A 81 0.95 7.53 13.27
N ARG A 82 2.08 8.12 12.91
CA ARG A 82 2.27 9.59 12.86
C ARG A 82 2.02 10.03 11.42
N LEU A 83 0.97 10.82 11.21
CA LEU A 83 0.49 11.21 9.86
C LEU A 83 0.43 12.74 9.77
N GLY A 84 0.68 13.24 8.58
CA GLY A 84 0.46 14.64 8.20
C GLY A 84 -0.44 14.68 6.99
N LEU A 85 -0.51 15.83 6.33
CA LEU A 85 -1.32 15.96 5.08
C LEU A 85 -0.39 16.33 3.93
N THR A 86 -0.71 15.83 2.74
CA THR A 86 -0.03 16.16 1.46
C THR A 86 -1.08 16.19 0.35
N SER A 87 -0.63 16.10 -0.90
CA SER A 87 -1.52 16.18 -2.07
C SER A 87 -0.91 15.50 -3.27
N TYR A 88 -1.75 15.20 -4.27
CA TYR A 88 -1.32 14.67 -5.59
C TYR A 88 -0.37 15.67 -6.26
N ARG A 89 -0.66 16.98 -6.14
CA ARG A 89 0.23 18.05 -6.70
C ARG A 89 1.63 18.03 -6.08
N ASP A 90 1.69 17.90 -4.77
CA ASP A 90 2.98 17.86 -4.05
C ASP A 90 3.77 16.58 -4.42
N PHE A 91 3.07 15.45 -4.57
CA PHE A 91 3.66 14.16 -5.02
C PHE A 91 4.34 14.37 -6.38
N LEU A 92 3.63 14.96 -7.35
CA LEU A 92 4.16 15.13 -8.74
C LEU A 92 5.39 16.05 -8.72
N GLY A 93 5.44 16.98 -7.77
CA GLY A 93 6.55 17.95 -7.67
C GLY A 93 7.75 17.48 -6.84
N THR A 94 7.65 16.31 -6.20
CA THR A 94 8.70 15.83 -5.25
C THR A 94 9.05 14.41 -5.58
N ASN A 95 8.32 13.40 -5.07
CA ASN A 95 8.62 11.98 -5.31
C ASN A 95 8.77 11.64 -6.81
N TRP A 96 7.95 12.26 -7.68
CA TRP A 96 7.95 11.96 -9.15
C TRP A 96 8.65 13.07 -9.94
N SER A 97 9.37 13.94 -9.27
CA SER A 97 10.34 14.90 -9.92
C SER A 97 11.60 14.16 -10.39
N SER A 98 12.19 14.62 -11.51
CA SER A 98 13.48 14.06 -12.00
C SER A 98 14.57 14.22 -10.93
N SER A 99 14.43 15.23 -10.06
N SER A 99 14.46 15.25 -10.08
CA SER A 99 15.42 15.62 -9.03
CA SER A 99 15.47 15.58 -9.04
C SER A 99 15.10 14.99 -7.66
C SER A 99 15.10 14.99 -7.66
N ALA A 100 14.22 13.98 -7.61
CA ALA A 100 13.81 13.39 -6.30
C ALA A 100 15.04 12.92 -5.48
N ALA A 101 16.08 12.31 -6.10
CA ALA A 101 17.26 11.83 -5.35
C ALA A 101 17.98 13.03 -4.72
N TRP A 102 18.03 14.18 -5.42
CA TRP A 102 18.67 15.40 -4.87
C TRP A 102 17.91 15.90 -3.64
N LEU A 103 16.58 15.85 -3.66
CA LEU A 103 15.74 16.22 -2.50
C LEU A 103 16.02 15.29 -1.31
N ARG A 104 16.23 13.99 -1.55
CA ARG A 104 16.53 13.01 -0.47
C ARG A 104 17.87 13.35 0.18
N GLN A 105 18.89 13.66 -0.64
CA GLN A 105 20.25 14.03 -0.13
C GLN A 105 20.15 15.33 0.71
N GLN A 106 19.42 16.34 0.21
N GLN A 106 19.40 16.33 0.21
CA GLN A 106 19.28 17.65 0.91
CA GLN A 106 19.27 17.64 0.88
C GLN A 106 18.52 17.46 2.23
C GLN A 106 18.51 17.47 2.21
N GLY A 107 17.52 16.58 2.25
CA GLY A 107 16.80 16.29 3.48
C GLY A 107 17.71 15.62 4.53
N ALA A 108 18.57 14.69 4.12
CA ALA A 108 19.59 14.10 5.01
C ALA A 108 20.48 15.22 5.59
N THR A 109 20.99 16.11 4.74
CA THR A 109 21.89 17.24 5.14
C THR A 109 21.19 18.18 6.12
N ASP A 110 20.02 18.68 5.74
CA ASP A 110 19.33 19.79 6.45
C ASP A 110 18.62 19.30 7.72
N TRP A 111 17.98 18.11 7.72
CA TRP A 111 17.01 17.68 8.74
C TRP A 111 17.39 16.32 9.33
N GLY A 112 18.46 15.69 8.85
CA GLY A 112 18.78 14.27 9.16
C GLY A 112 17.63 13.33 8.83
N ASP A 113 16.95 13.58 7.72
CA ASP A 113 15.72 12.83 7.34
C ASP A 113 15.62 12.79 5.82
N THR A 114 15.92 11.64 5.21
CA THR A 114 15.91 11.53 3.72
C THR A 114 14.53 11.90 3.15
N GLN A 115 13.44 11.79 3.92
CA GLN A 115 12.07 12.05 3.40
C GLN A 115 11.57 13.49 3.70
N ALA A 116 12.35 14.37 4.34
CA ALA A 116 11.83 15.66 4.88
C ALA A 116 11.21 16.54 3.78
N TYR A 117 11.77 16.51 2.57
CA TYR A 117 11.33 17.34 1.41
C TYR A 117 10.40 16.55 0.46
N LEU A 118 9.96 15.35 0.84
CA LEU A 118 9.10 14.49 -0.01
C LEU A 118 7.65 14.45 0.46
N ALA A 119 6.73 14.47 -0.49
CA ALA A 119 5.28 14.38 -0.21
C ALA A 119 4.96 13.08 0.54
N ASP A 120 5.43 11.94 0.05
CA ASP A 120 5.25 10.62 0.70
C ASP A 120 3.78 10.35 1.03
N PRO A 121 2.87 10.43 0.03
CA PRO A 121 1.46 10.06 0.28
C PRO A 121 1.34 8.59 0.69
N LEU A 122 0.48 8.28 1.65
CA LEU A 122 0.28 6.88 2.13
C LEU A 122 -0.68 6.13 1.19
N GLY A 123 -0.22 5.01 0.62
CA GLY A 123 -1.09 4.10 -0.15
C GLY A 123 -1.64 2.98 0.72
N VAL A 124 -2.67 2.29 0.23
CA VAL A 124 -3.16 1.04 0.85
C VAL A 124 -3.16 -0.07 -0.21
N GLY A 125 -2.85 -1.29 0.19
CA GLY A 125 -2.97 -2.48 -0.68
C GLY A 125 -3.45 -3.68 0.09
N ALA A 126 -3.93 -4.71 -0.59
CA ALA A 126 -4.43 -5.93 0.07
C ALA A 126 -3.85 -7.21 -0.57
N ALA A 127 -3.42 -8.13 0.28
CA ALA A 127 -3.39 -9.59 0.04
C ALA A 127 -4.83 -10.05 0.25
N LEU A 128 -5.53 -10.28 -0.87
CA LEU A 128 -6.97 -10.66 -0.86
C LEU A 128 -7.10 -12.16 -1.14
N ALA A 129 -7.55 -12.96 -0.16
CA ALA A 129 -7.62 -14.43 -0.25
C ALA A 129 -9.06 -14.84 -0.59
N THR A 130 -9.23 -15.84 -1.43
CA THR A 130 -10.55 -16.42 -1.77
C THR A 130 -10.90 -17.59 -0.84
N ALA A 131 -12.16 -18.03 -0.86
CA ALA A 131 -12.63 -19.14 -0.01
C ALA A 131 -11.91 -20.45 -0.37
N ASP A 132 -11.43 -20.60 -1.62
CA ASP A 132 -10.68 -21.79 -2.13
C ASP A 132 -9.15 -21.62 -2.13
N ASP A 133 -8.66 -20.68 -1.29
N ASP A 133 -8.65 -20.63 -1.37
CA ASP A 133 -7.24 -20.46 -0.91
CA ASP A 133 -7.22 -20.56 -0.95
C ASP A 133 -6.42 -20.09 -2.15
C ASP A 133 -6.32 -20.00 -2.06
N PHE A 134 -6.78 -18.96 -2.77
CA PHE A 134 -5.95 -18.26 -3.78
C PHE A 134 -5.81 -16.78 -3.33
N LEU A 135 -4.69 -16.14 -3.69
CA LEU A 135 -4.59 -14.65 -3.69
C LEU A 135 -4.96 -14.07 -5.07
N VAL A 136 -5.48 -12.85 -5.05
CA VAL A 136 -5.98 -12.09 -6.23
C VAL A 136 -4.92 -11.12 -6.76
N PHE A 137 -4.63 -11.19 -8.08
CA PHE A 137 -3.70 -10.28 -8.79
C PHE A 137 -4.42 -9.58 -9.95
N LEU A 138 -3.96 -8.38 -10.28
CA LEU A 138 -4.54 -7.51 -11.34
C LEU A 138 -3.43 -7.11 -12.33
N ARG A 139 -3.75 -7.04 -13.63
CA ARG A 139 -2.73 -6.64 -14.64
C ARG A 139 -2.94 -5.16 -14.95
N ARG A 140 -1.89 -4.35 -14.90
CA ARG A 140 -1.97 -2.89 -15.16
C ARG A 140 -1.95 -2.66 -16.68
N SER A 141 -2.75 -1.70 -17.14
CA SER A 141 -2.67 -1.16 -18.52
C SER A 141 -1.21 -0.84 -18.88
N ARG A 142 -0.84 -1.06 -20.14
CA ARG A 142 0.48 -0.71 -20.72
C ARG A 142 0.52 0.79 -21.09
N GLN A 143 -0.59 1.52 -20.93
CA GLN A 143 -0.73 2.94 -21.38
C GLN A 143 -0.63 3.93 -20.20
N VAL A 144 -0.67 3.48 -18.95
CA VAL A 144 -0.64 4.40 -17.77
C VAL A 144 0.81 4.83 -17.49
N ALA A 145 1.02 5.82 -16.63
CA ALA A 145 2.32 6.47 -16.36
C ALA A 145 3.17 5.65 -15.39
N GLU A 146 2.54 5.13 -14.32
CA GLU A 146 3.22 4.36 -13.23
C GLU A 146 3.17 2.87 -13.56
N ALA A 147 4.32 2.20 -13.51
CA ALA A 147 4.43 0.72 -13.58
C ALA A 147 3.57 0.16 -14.72
N PRO A 148 3.71 0.69 -15.96
CA PRO A 148 2.89 0.18 -17.07
C PRO A 148 3.11 -1.31 -17.36
N GLY A 149 2.00 -2.02 -17.52
CA GLY A 149 1.99 -3.44 -17.92
C GLY A 149 2.40 -4.36 -16.80
N LEU A 150 2.58 -3.84 -15.56
CA LEU A 150 3.08 -4.70 -14.46
C LEU A 150 1.88 -5.31 -13.71
N VAL A 151 2.16 -6.33 -12.91
CA VAL A 151 1.15 -6.98 -12.01
C VAL A 151 0.99 -6.16 -10.72
N ASP A 152 -0.23 -5.98 -10.25
CA ASP A 152 -0.50 -5.32 -8.97
C ASP A 152 -1.43 -6.18 -8.10
N VAL A 153 -1.66 -5.71 -6.87
CA VAL A 153 -2.76 -6.24 -6.02
C VAL A 153 -3.80 -5.13 -5.91
N PRO A 154 -5.02 -5.43 -5.39
CA PRO A 154 -6.01 -4.37 -5.19
C PRO A 154 -5.52 -3.31 -4.20
N GLY A 155 -5.89 -2.07 -4.43
CA GLY A 155 -5.54 -0.98 -3.50
C GLY A 155 -5.97 0.37 -4.03
N GLY A 156 -5.47 1.41 -3.37
CA GLY A 156 -5.78 2.81 -3.72
C GLY A 156 -5.38 3.76 -2.60
N HIS A 157 -6.25 4.72 -2.31
CA HIS A 157 -5.91 5.94 -1.51
C HIS A 157 -6.94 6.12 -0.38
N PRO A 158 -6.48 6.21 0.88
CA PRO A 158 -7.31 6.80 1.93
C PRO A 158 -7.37 8.31 1.65
N GLU A 159 -8.53 8.95 1.85
CA GLU A 159 -8.73 10.37 1.45
C GLU A 159 -9.16 11.19 2.67
N PRO A 160 -8.38 12.22 3.05
CA PRO A 160 -8.76 13.15 4.13
C PRO A 160 -10.13 13.83 4.01
N GLN A 161 -10.66 13.98 2.77
CA GLN A 161 -11.98 14.58 2.49
C GLN A 161 -13.09 13.62 2.95
N ASP A 173 -6.13 10.65 20.33
CA ASP A 173 -6.70 9.77 19.29
C ASP A 173 -8.12 10.25 18.95
N LEU A 174 -8.42 11.56 19.08
CA LEU A 174 -9.84 12.01 19.01
C LEU A 174 -10.23 12.52 17.62
N ALA A 175 -9.29 12.95 16.78
CA ALA A 175 -9.47 12.86 15.29
C ALA A 175 -8.77 11.58 14.79
N GLY A 176 -7.79 11.06 15.57
CA GLY A 176 -7.06 9.78 15.36
C GLY A 176 -7.94 8.60 15.00
N GLN A 177 -9.02 8.33 15.74
CA GLN A 177 -9.80 7.09 15.55
C GLN A 177 -10.58 7.19 14.24
N LEU A 178 -10.99 8.41 13.85
CA LEU A 178 -11.71 8.58 12.57
C LEU A 178 -10.72 8.35 11.43
N VAL A 179 -9.47 8.77 11.57
CA VAL A 179 -8.44 8.57 10.51
C VAL A 179 -8.14 7.07 10.38
N VAL A 180 -7.96 6.34 11.47
CA VAL A 180 -7.73 4.87 11.39
C VAL A 180 -8.95 4.22 10.69
N HIS A 181 -10.17 4.61 11.06
CA HIS A 181 -11.39 4.10 10.39
C HIS A 181 -11.32 4.30 8.86
N GLU A 182 -10.93 5.50 8.41
N GLU A 182 -10.91 5.50 8.43
CA GLU A 182 -10.86 5.80 6.95
CA GLU A 182 -10.79 5.91 7.01
C GLU A 182 -9.81 4.87 6.30
C GLU A 182 -9.80 4.97 6.30
N LEU A 183 -8.66 4.68 6.94
CA LEU A 183 -7.61 3.77 6.37
C LEU A 183 -8.20 2.36 6.12
N PHE A 184 -8.79 1.72 7.15
CA PHE A 184 -9.39 0.36 7.04
C PHE A 184 -10.56 0.34 6.02
N SER A 185 -11.46 1.33 6.10
N SER A 185 -11.45 1.33 6.05
CA SER A 185 -12.61 1.48 5.16
CA SER A 185 -12.62 1.35 5.12
C SER A 185 -12.11 1.55 3.71
C SER A 185 -12.17 1.62 3.69
N SER A 186 -11.07 2.36 3.47
CA SER A 186 -10.55 2.65 2.12
C SER A 186 -10.08 1.36 1.44
N VAL A 187 -9.44 0.43 2.16
CA VAL A 187 -8.95 -0.77 1.45
C VAL A 187 -10.15 -1.64 1.02
N LEU A 188 -11.23 -1.72 1.82
CA LEU A 188 -12.47 -2.41 1.39
C LEU A 188 -13.13 -1.70 0.19
N GLN A 189 -13.30 -0.38 0.28
CA GLN A 189 -13.89 0.39 -0.83
C GLN A 189 -13.11 0.15 -2.14
N GLU A 190 -11.76 0.15 -2.10
CA GLU A 190 -10.91 -0.04 -3.31
C GLU A 190 -11.11 -1.45 -3.88
N ILE A 191 -11.29 -2.47 -3.02
CA ILE A 191 -11.62 -3.84 -3.47
C ILE A 191 -12.99 -3.84 -4.16
N CYS A 192 -14.00 -3.24 -3.54
CA CYS A 192 -15.37 -3.18 -4.13
C CYS A 192 -15.34 -2.42 -5.47
N ASP A 193 -14.63 -1.30 -5.57
CA ASP A 193 -14.62 -0.48 -6.82
C ASP A 193 -13.89 -1.19 -7.96
N GLU A 194 -12.77 -1.86 -7.73
CA GLU A 194 -11.95 -2.41 -8.83
C GLU A 194 -12.30 -3.88 -9.11
N VAL A 195 -12.58 -4.71 -8.07
CA VAL A 195 -12.82 -6.17 -8.27
C VAL A 195 -14.33 -6.38 -8.46
N ASN A 196 -15.15 -5.39 -8.09
CA ASN A 196 -16.62 -5.45 -8.28
C ASN A 196 -17.24 -6.49 -7.32
N LEU A 197 -16.69 -6.66 -6.11
CA LEU A 197 -17.19 -7.60 -5.11
C LEU A 197 -18.17 -6.91 -4.18
N PRO A 198 -19.21 -7.62 -3.70
CA PRO A 198 -20.09 -7.07 -2.68
C PRO A 198 -19.31 -6.90 -1.38
N LEU A 199 -19.57 -5.80 -0.67
CA LEU A 199 -18.90 -5.47 0.61
C LEU A 199 -19.16 -6.58 1.63
N LEU A 200 -20.35 -7.20 1.64
CA LEU A 200 -20.66 -8.23 2.65
C LEU A 200 -19.94 -9.55 2.41
N THR A 201 -19.18 -9.72 1.32
CA THR A 201 -18.35 -10.94 1.09
C THR A 201 -16.94 -10.74 1.67
N LEU A 202 -16.62 -9.57 2.22
CA LEU A 202 -15.25 -9.22 2.74
C LEU A 202 -15.16 -9.21 4.29
N SER A 203 -14.09 -9.78 4.86
CA SER A 203 -13.71 -9.74 6.29
C SER A 203 -13.27 -8.32 6.67
N GLN A 204 -13.31 -7.98 7.95
CA GLN A 204 -12.60 -6.77 8.43
C GLN A 204 -11.11 -6.97 8.17
N PRO A 205 -10.42 -5.94 7.62
CA PRO A 205 -8.99 -6.10 7.30
C PRO A 205 -8.11 -6.28 8.56
N LEU A 206 -6.97 -6.93 8.38
CA LEU A 206 -5.87 -6.90 9.37
C LEU A 206 -4.68 -6.18 8.76
N LEU A 207 -4.06 -5.25 9.47
CA LEU A 207 -2.82 -4.61 8.99
C LEU A 207 -1.63 -5.57 9.10
N LEU A 208 -0.99 -5.91 7.96
CA LEU A 208 0.21 -6.82 7.97
C LEU A 208 1.48 -6.01 8.24
N GLY A 209 1.58 -4.77 7.75
CA GLY A 209 2.79 -3.96 7.86
C GLY A 209 2.78 -2.79 6.91
N ILE A 210 3.93 -2.16 6.78
CA ILE A 210 4.14 -1.01 5.85
C ILE A 210 5.42 -1.27 5.03
N ALA A 211 5.35 -1.04 3.72
CA ALA A 211 6.46 -1.23 2.76
C ALA A 211 6.72 0.09 2.06
N ARG A 212 7.97 0.38 1.67
CA ARG A 212 8.34 1.60 0.90
C ARG A 212 8.81 1.20 -0.52
N ASN A 213 8.46 2.02 -1.52
CA ASN A 213 8.82 1.89 -2.96
C ASN A 213 10.01 2.83 -3.19
N GLU A 214 11.21 2.29 -3.25
CA GLU A 214 12.45 3.08 -3.44
C GLU A 214 12.56 3.61 -4.90
N THR A 215 11.78 3.07 -5.85
CA THR A 215 11.72 3.57 -7.24
C THR A 215 10.87 4.87 -7.31
N SER A 216 10.02 5.11 -6.31
CA SER A 216 9.21 6.35 -6.17
C SER A 216 9.73 7.21 -5.01
N ALA A 217 11.05 7.14 -4.75
CA ALA A 217 11.76 7.98 -3.73
C ALA A 217 11.29 7.69 -2.31
N GLY A 218 10.78 6.49 -2.05
CA GLY A 218 10.47 6.05 -0.68
C GLY A 218 9.02 6.16 -0.25
N ARG A 219 8.10 6.41 -1.19
CA ARG A 219 6.62 6.49 -0.97
C ARG A 219 6.14 5.18 -0.32
N ALA A 220 5.42 5.25 0.81
CA ALA A 220 5.05 4.05 1.60
C ALA A 220 3.60 3.64 1.34
N SER A 221 3.31 2.34 1.49
CA SER A 221 1.93 1.78 1.45
C SER A 221 1.70 0.89 2.69
N ALA A 222 0.54 1.05 3.32
CA ALA A 222 0.03 0.09 4.34
C ALA A 222 -0.52 -1.14 3.64
N GLU A 223 -0.06 -2.34 4.01
CA GLU A 223 -0.48 -3.58 3.35
C GLU A 223 -1.35 -4.40 4.32
N PHE A 224 -2.53 -4.81 3.87
CA PHE A 224 -3.58 -5.47 4.71
C PHE A 224 -3.88 -6.89 4.19
N TYR A 225 -4.39 -7.75 5.05
CA TYR A 225 -4.95 -9.08 4.67
C TYR A 225 -6.47 -8.97 4.74
N VAL A 226 -7.16 -9.41 3.69
CA VAL A 226 -8.62 -9.45 3.60
C VAL A 226 -9.02 -10.83 3.07
N GLN A 227 -10.00 -11.45 3.72
N GLN A 227 -9.97 -11.48 3.74
CA GLN A 227 -10.55 -12.76 3.29
CA GLN A 227 -10.56 -12.76 3.28
C GLN A 227 -11.91 -12.54 2.63
C GLN A 227 -11.89 -12.47 2.58
N CYS A 228 -12.15 -13.18 1.47
CA CYS A 228 -13.45 -13.12 0.76
C CYS A 228 -14.15 -14.47 0.91
N SER A 229 -15.48 -14.47 1.06
CA SER A 229 -16.28 -15.72 1.22
C SER A 229 -16.56 -16.37 -0.15
N LEU A 230 -16.21 -15.70 -1.26
CA LEU A 230 -16.38 -16.23 -2.63
C LEU A 230 -15.14 -17.03 -3.07
N THR A 231 -15.36 -18.04 -3.91
CA THR A 231 -14.29 -18.79 -4.59
C THR A 231 -13.66 -17.94 -5.70
N SER A 232 -12.49 -18.34 -6.13
CA SER A 232 -11.76 -17.71 -7.27
C SER A 232 -12.71 -17.61 -8.51
N GLU A 233 -13.46 -18.68 -8.81
CA GLU A 233 -14.34 -18.67 -10.00
C GLU A 233 -15.42 -17.57 -9.85
N GLN A 234 -15.99 -17.45 -8.65
CA GLN A 234 -17.01 -16.43 -8.35
C GLN A 234 -16.39 -15.02 -8.38
N VAL A 235 -15.18 -14.82 -7.82
CA VAL A 235 -14.49 -13.49 -7.89
C VAL A 235 -14.28 -13.10 -9.36
N ARG A 236 -13.78 -14.01 -10.19
CA ARG A 236 -13.56 -13.78 -11.66
C ARG A 236 -14.87 -13.31 -12.29
N LYS A 237 -15.98 -14.02 -12.01
CA LYS A 237 -17.30 -13.67 -12.61
C LYS A 237 -17.67 -12.24 -12.25
N HIS A 238 -17.52 -11.84 -10.97
CA HIS A 238 -17.88 -10.48 -10.49
C HIS A 238 -17.03 -9.42 -11.23
N TYR A 239 -15.70 -9.60 -11.25
CA TYR A 239 -14.76 -8.69 -11.93
C TYR A 239 -15.19 -8.53 -13.39
N LEU A 240 -15.36 -9.63 -14.13
CA LEU A 240 -15.61 -9.55 -15.61
C LEU A 240 -17.00 -8.95 -15.87
N SER A 241 -17.97 -9.20 -15.00
CA SER A 241 -19.39 -8.79 -15.22
C SER A 241 -19.54 -7.28 -15.15
N GLY A 242 -18.49 -6.57 -14.73
CA GLY A 242 -18.47 -5.08 -14.79
C GLY A 242 -18.29 -4.55 -16.21
N GLY A 243 -17.61 -5.31 -17.07
CA GLY A 243 -17.24 -4.87 -18.43
C GLY A 243 -15.96 -4.04 -18.35
N PRO A 244 -15.32 -3.72 -19.50
CA PRO A 244 -14.03 -3.03 -19.45
C PRO A 244 -14.03 -1.66 -18.74
N GLU A 245 -15.17 -0.97 -18.65
CA GLU A 245 -15.28 0.38 -18.02
C GLU A 245 -15.42 0.29 -16.50
N ALA A 246 -15.61 -0.90 -15.93
CA ALA A 246 -15.86 -1.03 -14.47
C ALA A 246 -14.52 -1.18 -13.73
N HIS A 247 -13.39 -1.29 -14.43
CA HIS A 247 -12.06 -1.48 -13.79
C HIS A 247 -10.95 -0.72 -14.54
N GLU A 248 -9.91 -0.26 -13.82
CA GLU A 248 -8.72 0.40 -14.42
C GLU A 248 -7.76 -0.68 -14.96
N SER A 249 -7.65 -1.82 -14.28
CA SER A 249 -6.82 -2.98 -14.71
C SER A 249 -7.36 -3.58 -16.02
N THR A 250 -6.55 -4.41 -16.71
CA THR A 250 -6.92 -5.05 -18.01
C THR A 250 -7.16 -6.55 -17.85
N GLY A 251 -6.96 -7.08 -16.64
CA GLY A 251 -7.16 -8.51 -16.37
C GLY A 251 -7.02 -8.84 -14.90
N ILE A 252 -7.58 -10.00 -14.51
CA ILE A 252 -7.52 -10.59 -13.14
C ILE A 252 -6.92 -11.98 -13.25
N PHE A 253 -6.20 -12.43 -12.23
CA PHE A 253 -5.75 -13.84 -12.13
C PHE A 253 -5.47 -14.21 -10.68
N PHE A 254 -5.25 -15.50 -10.42
CA PHE A 254 -5.20 -16.10 -9.05
C PHE A 254 -3.98 -17.01 -8.93
N VAL A 255 -3.28 -16.97 -7.78
CA VAL A 255 -2.18 -17.92 -7.44
C VAL A 255 -2.54 -18.63 -6.14
N GLU A 256 -2.44 -19.96 -6.10
CA GLU A 256 -2.72 -20.71 -4.85
C GLU A 256 -1.87 -20.15 -3.71
N THR A 257 -2.39 -20.06 -2.47
CA THR A 257 -1.55 -19.60 -1.33
C THR A 257 -0.37 -20.56 -1.12
N GLN A 258 -0.52 -21.84 -1.46
CA GLN A 258 0.58 -22.83 -1.44
C GLN A 258 1.79 -22.30 -2.22
N ASN A 259 1.54 -21.66 -3.36
CA ASN A 259 2.57 -21.26 -4.37
C ASN A 259 3.08 -19.83 -4.12
N VAL A 260 2.33 -19.02 -3.36
CA VAL A 260 2.80 -17.65 -2.98
C VAL A 260 4.07 -17.72 -2.13
N ARG A 261 4.21 -18.76 -1.29
CA ARG A 261 5.44 -19.01 -0.50
C ARG A 261 6.72 -18.87 -1.35
N ARG A 262 6.77 -19.39 -2.58
CA ARG A 262 8.00 -19.32 -3.42
C ARG A 262 7.86 -18.32 -4.58
N LEU A 263 6.87 -17.43 -4.57
CA LEU A 263 6.71 -16.44 -5.67
C LEU A 263 8.00 -15.67 -6.00
N PRO A 264 8.84 -15.24 -5.03
CA PRO A 264 10.08 -14.51 -5.39
C PRO A 264 11.08 -15.32 -6.25
N GLU A 265 10.91 -16.64 -6.33
CA GLU A 265 11.75 -17.53 -7.18
C GLU A 265 11.14 -17.76 -8.56
N THR A 266 9.98 -17.19 -8.86
CA THR A 266 9.22 -17.40 -10.12
C THR A 266 9.54 -16.28 -11.12
N GLU A 267 9.24 -16.48 -12.40
CA GLU A 267 9.31 -15.41 -13.44
C GLU A 267 8.24 -14.32 -13.22
N MET A 268 7.19 -14.58 -12.43
CA MET A 268 6.14 -13.56 -12.15
C MET A 268 6.80 -12.42 -11.33
N TRP A 269 7.82 -12.71 -10.51
CA TRP A 269 8.37 -11.73 -9.53
C TRP A 269 8.88 -10.46 -10.25
N ALA A 270 9.54 -10.64 -11.39
CA ALA A 270 10.06 -9.52 -12.24
C ALA A 270 8.92 -8.66 -12.80
N GLU A 271 7.70 -9.17 -12.88
CA GLU A 271 6.54 -8.42 -13.43
C GLU A 271 5.74 -7.71 -12.32
N LEU A 272 6.04 -7.94 -11.05
CA LEU A 272 5.29 -7.33 -9.90
C LEU A 272 5.78 -5.91 -9.63
N CYS A 273 4.89 -4.96 -9.56
CA CYS A 273 5.24 -3.58 -9.14
C CYS A 273 5.68 -3.58 -7.68
N PRO A 274 6.52 -2.61 -7.25
CA PRO A 274 7.10 -2.66 -5.91
C PRO A 274 6.09 -2.75 -4.75
N SER A 275 4.97 -2.03 -4.81
CA SER A 275 3.97 -2.06 -3.71
C SER A 275 3.33 -3.45 -3.63
N ALA A 276 3.10 -4.13 -4.77
CA ALA A 276 2.60 -5.53 -4.76
C ALA A 276 3.67 -6.49 -4.19
N LYS A 277 4.95 -6.31 -4.51
CA LYS A 277 6.02 -7.12 -3.86
C LYS A 277 5.94 -6.94 -2.34
N GLY A 278 5.74 -5.68 -1.87
CA GLY A 278 5.62 -5.43 -0.42
C GLY A 278 4.46 -6.21 0.21
N ALA A 279 3.27 -6.19 -0.43
CA ALA A 279 2.10 -6.96 0.02
C ALA A 279 2.44 -8.46 0.14
N ILE A 280 3.10 -9.03 -0.84
CA ILE A 280 3.37 -10.51 -0.84
C ILE A 280 4.45 -10.86 0.18
N ILE A 281 5.53 -10.08 0.29
CA ILE A 281 6.57 -10.31 1.35
C ILE A 281 5.89 -10.28 2.73
N LEU A 282 5.10 -9.26 3.05
CA LEU A 282 4.40 -9.20 4.36
C LEU A 282 3.39 -10.34 4.53
N TYR A 283 2.64 -10.75 3.52
CA TYR A 283 1.72 -11.90 3.61
C TYR A 283 2.54 -13.13 4.02
N ASN A 284 3.65 -13.35 3.34
CA ASN A 284 4.50 -14.55 3.60
C ASN A 284 5.03 -14.54 5.05
N ARG A 285 5.45 -13.38 5.57
CA ARG A 285 6.11 -13.27 6.90
C ARG A 285 5.09 -13.31 8.04
N VAL A 286 3.92 -12.71 7.81
CA VAL A 286 2.92 -12.42 8.88
C VAL A 286 1.78 -13.45 8.89
N GLN A 287 1.17 -13.80 7.74
CA GLN A 287 0.10 -14.83 7.67
C GLN A 287 0.72 -16.22 7.42
N GLY A 288 1.68 -16.35 6.52
CA GLY A 288 2.46 -17.60 6.38
C GLY A 288 3.48 -17.71 7.51
N SER A 289 4.52 -18.52 7.33
CA SER A 289 5.65 -18.65 8.29
C SER A 289 5.09 -19.05 9.67
N PRO A 290 4.51 -20.27 9.79
CA PRO A 290 3.91 -20.71 11.05
C PRO A 290 4.97 -20.88 12.15
N THR A 291 4.57 -20.73 13.42
CA THR A 291 5.49 -20.79 14.58
C THR A 291 5.23 -22.05 15.43
N GLY A 292 4.10 -22.75 15.24
CA GLY A 292 3.65 -23.84 16.13
C GLY A 292 4.07 -25.22 15.60
N ALA A 293 4.00 -26.24 16.45
CA ALA A 293 4.41 -27.62 16.12
C ALA A 293 3.54 -28.21 15.00
N ALA A 294 2.22 -28.03 15.01
CA ALA A 294 1.29 -28.63 14.01
C ALA A 294 1.58 -28.09 12.59
N LEU A 295 1.44 -26.78 12.35
CA LEU A 295 1.62 -26.20 10.98
C LEU A 295 3.09 -26.19 10.57
N GLY A 296 4.02 -26.31 11.53
CA GLY A 296 5.47 -26.31 11.27
C GLY A 296 6.01 -27.71 10.96
N SER A 297 5.19 -28.75 11.13
CA SER A 297 5.58 -30.18 10.87
C SER A 297 5.95 -30.35 9.38
N PRO A 298 6.96 -31.19 9.01
CA PRO A 298 7.43 -31.26 7.61
C PRO A 298 6.40 -31.56 6.49
N ALA A 299 5.37 -32.35 6.77
CA ALA A 299 4.33 -32.67 5.73
C ALA A 299 3.47 -31.43 5.43
N LEU A 300 3.24 -30.53 6.41
CA LEU A 300 2.45 -29.28 6.20
C LEU A 300 3.36 -28.10 5.81
N LEU A 301 4.65 -28.11 6.15
CA LEU A 301 5.62 -27.03 5.77
C LEU A 301 6.84 -27.68 5.14
N PRO A 302 6.72 -28.06 3.84
CA PRO A 302 7.76 -28.85 3.20
C PRO A 302 9.07 -28.06 3.15
N PRO A 303 10.22 -28.69 3.50
CA PRO A 303 11.52 -28.03 3.42
C PRO A 303 11.90 -27.54 2.01
N LEU A 304 12.42 -26.31 1.90
CA LEU A 304 13.02 -25.68 0.70
C LEU A 304 11.95 -24.96 -0.13
N1 S07 B . -5.32 11.79 -8.73
C4 S07 B . -1.69 8.27 -7.77
C5 S07 B . -1.84 9.19 -6.74
C6 S07 B . -0.85 9.30 -5.75
C7 S07 B . 0.25 8.47 -5.82
C8 S07 B . -1.00 10.30 -4.63
C10 S07 B . -4.72 11.32 -7.62
C13 S07 B . -6.34 11.29 -10.91
C1 S07 B . 1.62 6.65 -6.90
C11 S07 B . -6.16 13.00 -8.68
C12 S07 B . -7.36 12.86 -9.56
C14 S07 B . -5.09 11.28 -10.09
C2 S07 B . 0.41 7.55 -6.85
C3 S07 B . -0.56 7.45 -7.81
C9 S07 B . -3.73 10.18 -7.77
O1 S07 B . -2.92 10.03 -6.63
O2 S07 B . -4.92 11.79 -6.50
O3 S07 B . -6.98 12.56 -10.90
S DMS C . -3.77 -2.28 -22.73
O DMS C . -4.79 -3.34 -23.06
C1 DMS C . -2.41 -3.17 -22.05
C2 DMS C . -3.00 -1.82 -24.26
S DMS D . -17.27 -5.50 5.94
O DMS D . -18.54 -6.36 5.89
C1 DMS D . -16.62 -5.57 4.32
C2 DMS D . -17.80 -3.81 6.03
S DMS E . 22.50 20.87 9.46
O DMS E . 22.79 20.09 10.73
C1 DMS E . 20.89 21.51 9.69
C2 DMS E . 23.37 22.40 9.59
S DMS F . -0.57 -1.92 -4.72
O DMS F . 0.11 -0.74 -5.36
C1 DMS F . -0.24 -1.81 -2.95
C2 DMS F . -2.27 -1.51 -4.69
S DMS G . -5.16 7.57 -9.69
O DMS G . -4.62 7.76 -11.09
C1 DMS G . -4.75 5.91 -9.22
C2 DMS G . -6.91 7.36 -9.88
S DMS H . -0.82 9.17 -11.64
O DMS H . -0.10 10.43 -12.00
C1 DMS H . -0.23 7.94 -12.79
C2 DMS H . -2.46 9.33 -12.28
#